data_6MX1
#
_entry.id   6MX1
#
_cell.length_a   92.642
_cell.length_b   54.550
_cell.length_c   65.242
_cell.angle_alpha   90.00
_cell.angle_beta   99.30
_cell.angle_gamma   90.00
#
_symmetry.space_group_name_H-M   'C 1 2 1'
#
loop_
_entity.id
_entity.type
_entity.pdbx_description
1 polymer 'Bifunctional aspartokinase/homoserine dehydrogenase 1'
2 water water
#
_entity_poly.entity_id   1
_entity_poly.type   'polypeptide(L)'
_entity_poly.pdbx_seq_one_letter_code
;SNAEDELPVKGISNLNNMAMFSVSGPGMKGMVGMAARVFAAMSRARISVVLITQSSSEYSISFCVPQSDCVRAERAMQEE
FYLELKEGLLEPLAVTERLAIISVVGDGMRTLRGISAKFFAALARANINIVAIAQGSSERSISVVVNNDDATTGVRVTHQ
MLF
;
_entity_poly.pdbx_strand_id   A,B
#
# COMPACT_ATOMS: atom_id res chain seq x y z
N PRO A 8 21.96 7.95 -1.57
CA PRO A 8 20.98 8.94 -2.02
C PRO A 8 19.73 8.97 -1.15
N VAL A 9 19.89 8.70 0.14
CA VAL A 9 18.79 8.68 1.08
C VAL A 9 18.56 10.07 1.62
N LYS A 10 17.30 10.48 1.76
CA LYS A 10 17.06 11.75 2.40
C LYS A 10 17.04 11.55 3.91
N GLY A 11 16.16 10.67 4.40
CA GLY A 11 15.92 10.65 5.85
C GLY A 11 15.04 9.49 6.26
N ILE A 12 15.02 9.20 7.56
CA ILE A 12 14.17 8.15 8.10
C ILE A 12 13.22 8.79 9.07
N SER A 13 11.93 8.50 8.95
CA SER A 13 10.89 9.12 9.79
C SER A 13 10.15 8.03 10.56
N ASN A 14 9.58 8.39 11.71
CA ASN A 14 8.77 7.42 12.42
C ASN A 14 7.58 8.13 13.04
N LEU A 15 6.42 7.46 12.99
CA LEU A 15 5.17 7.94 13.62
C LEU A 15 4.70 6.84 14.57
N ASN A 16 4.76 7.11 15.89
CA ASN A 16 4.42 6.07 16.87
C ASN A 16 2.92 6.14 17.27
N ASN A 17 2.49 5.11 17.99
CA ASN A 17 1.16 5.08 18.63
C ASN A 17 0.06 5.27 17.57
N MET A 18 0.12 4.42 16.55
CA MET A 18 -0.89 4.36 15.50
C MET A 18 -1.77 3.12 15.65
N ALA A 19 -2.93 3.13 14.98
CA ALA A 19 -3.81 1.95 14.94
C ALA A 19 -4.11 1.69 13.48
N MET A 20 -4.27 0.42 13.11
CA MET A 20 -4.55 0.08 11.71
C MET A 20 -5.91 -0.60 11.64
N PHE A 21 -6.75 -0.18 10.70
CA PHE A 21 -8.03 -0.81 10.41
C PHE A 21 -7.90 -1.62 9.13
N SER A 22 -8.58 -2.76 9.05
CA SER A 22 -8.55 -3.55 7.83
C SER A 22 -9.96 -4.02 7.55
N VAL A 23 -10.47 -3.72 6.33
CA VAL A 23 -11.83 -3.99 5.92
C VAL A 23 -11.78 -5.03 4.80
N SER A 24 -12.49 -6.14 4.97
CA SER A 24 -12.42 -7.18 3.96
C SER A 24 -13.75 -7.89 3.96
N GLY A 25 -13.95 -8.74 2.96
CA GLY A 25 -15.13 -9.56 3.00
C GLY A 25 -15.30 -10.19 1.66
N PRO A 26 -16.14 -11.23 1.59
CA PRO A 26 -16.34 -11.91 0.32
C PRO A 26 -16.98 -11.02 -0.73
N GLY A 27 -17.76 -10.03 -0.29
CA GLY A 27 -18.42 -9.16 -1.26
C GLY A 27 -17.51 -8.07 -1.78
N MET A 28 -16.46 -7.72 -1.03
CA MET A 28 -15.76 -6.46 -1.24
C MET A 28 -15.20 -6.32 -2.65
N LYS A 29 -14.89 -7.43 -3.31
CA LYS A 29 -14.49 -7.36 -4.70
C LYS A 29 -15.64 -6.98 -5.63
N GLY A 30 -16.87 -7.14 -5.18
CA GLY A 30 -18.01 -6.92 -6.06
C GLY A 30 -18.76 -5.64 -5.77
N MET A 31 -18.31 -4.89 -4.77
CA MET A 31 -19.00 -3.71 -4.30
C MET A 31 -18.32 -2.46 -4.83
N VAL A 32 -19.13 -1.51 -5.33
CA VAL A 32 -18.64 -0.29 -5.94
C VAL A 32 -18.31 0.71 -4.84
N GLY A 33 -17.16 1.37 -4.97
CA GLY A 33 -16.91 2.56 -4.21
C GLY A 33 -16.61 2.31 -2.75
N MET A 34 -16.05 1.12 -2.44
CA MET A 34 -15.77 0.76 -1.06
C MET A 34 -14.75 1.70 -0.43
N ALA A 35 -13.63 1.93 -1.11
CA ALA A 35 -12.67 2.93 -0.62
C ALA A 35 -13.32 4.31 -0.51
N ALA A 36 -14.09 4.73 -1.54
CA ALA A 36 -14.74 6.04 -1.44
C ALA A 36 -15.61 6.13 -0.17
N ARG A 37 -16.31 5.06 0.19
CA ARG A 37 -17.16 5.09 1.40
C ARG A 37 -16.33 5.15 2.66
N VAL A 38 -15.26 4.36 2.70
CA VAL A 38 -14.37 4.33 3.88
C VAL A 38 -13.83 5.75 4.13
N PHE A 39 -13.36 6.38 3.07
CA PHE A 39 -12.70 7.64 3.30
C PHE A 39 -13.67 8.81 3.39
N ALA A 40 -14.89 8.69 2.85
CA ALA A 40 -15.91 9.68 3.19
C ALA A 40 -16.28 9.58 4.66
N ALA A 41 -16.32 8.36 5.21
CA ALA A 41 -16.67 8.21 6.62
C ALA A 41 -15.56 8.77 7.52
N MET A 42 -14.32 8.59 7.14
CA MET A 42 -13.23 9.13 7.97
C MET A 42 -13.20 10.64 7.86
N SER A 43 -13.51 11.17 6.67
CA SER A 43 -13.50 12.63 6.48
C SER A 43 -14.57 13.32 7.31
N ARG A 44 -15.78 12.75 7.35
CA ARG A 44 -16.87 13.35 8.12
C ARG A 44 -16.56 13.34 9.61
N ALA A 45 -15.93 12.26 10.08
CA ALA A 45 -15.50 12.11 11.45
C ALA A 45 -14.22 12.87 11.75
N ARG A 46 -13.65 13.58 10.77
CA ARG A 46 -12.46 14.39 10.95
C ARG A 46 -11.28 13.56 11.42
N ILE A 47 -11.11 12.37 10.85
CA ILE A 47 -10.09 11.45 11.28
C ILE A 47 -8.90 11.49 10.31
N SER A 48 -7.71 11.52 10.87
CA SER A 48 -6.48 11.66 10.10
C SER A 48 -6.09 10.30 9.54
N VAL A 49 -6.22 10.09 8.24
CA VAL A 49 -5.82 8.81 7.64
C VAL A 49 -4.42 9.00 7.09
N VAL A 50 -3.46 8.39 7.77
CA VAL A 50 -2.05 8.64 7.54
C VAL A 50 -1.46 7.69 6.51
N LEU A 51 -2.07 6.54 6.30
CA LEU A 51 -1.53 5.54 5.40
C LEU A 51 -2.69 4.70 4.89
N ILE A 52 -2.70 4.38 3.57
CA ILE A 52 -3.76 3.55 3.02
C ILE A 52 -3.11 2.54 2.10
N THR A 53 -3.55 1.31 2.19
CA THR A 53 -2.95 0.30 1.30
C THR A 53 -3.99 -0.74 0.95
N GLN A 54 -4.01 -1.17 -0.34
CA GLN A 54 -4.82 -2.30 -0.72
C GLN A 54 -4.07 -3.04 -1.81
N SER A 55 -3.71 -4.31 -1.55
CA SER A 55 -2.76 -4.93 -2.48
C SER A 55 -3.42 -5.55 -3.70
N SER A 56 -4.71 -5.81 -3.64
CA SER A 56 -5.43 -6.25 -4.82
C SER A 56 -6.89 -6.17 -4.45
N SER A 57 -7.78 -6.26 -5.46
CA SER A 57 -9.21 -6.09 -5.24
C SER A 57 -9.80 -7.17 -4.32
N GLU A 58 -9.11 -8.30 -4.16
CA GLU A 58 -9.55 -9.37 -3.30
C GLU A 58 -9.02 -9.27 -1.87
N TYR A 59 -8.07 -8.39 -1.61
CA TYR A 59 -7.46 -8.34 -0.29
C TYR A 59 -7.96 -7.10 0.45
N SER A 60 -7.74 -7.06 1.76
CA SER A 60 -8.35 -6.01 2.55
C SER A 60 -7.83 -4.60 2.19
N ILE A 61 -8.70 -3.61 2.37
CA ILE A 61 -8.23 -2.23 2.44
C ILE A 61 -7.78 -2.01 3.87
N SER A 62 -6.52 -1.59 4.06
CA SER A 62 -6.02 -1.27 5.39
C SER A 62 -5.62 0.20 5.44
N PHE A 63 -5.82 0.81 6.60
CA PHE A 63 -5.44 2.23 6.71
C PHE A 63 -5.10 2.49 8.17
N CYS A 64 -4.25 3.49 8.40
CA CYS A 64 -3.74 3.81 9.73
C CYS A 64 -4.27 5.15 10.16
N VAL A 65 -4.54 5.27 11.46
CA VAL A 65 -4.95 6.51 12.05
C VAL A 65 -4.18 6.63 13.36
N PRO A 66 -4.06 7.83 13.90
CA PRO A 66 -3.41 7.92 15.22
C PRO A 66 -4.27 7.24 16.28
N GLN A 67 -3.60 6.63 17.27
CA GLN A 67 -4.37 5.94 18.29
C GLN A 67 -5.44 6.82 18.92
N SER A 68 -5.19 8.15 19.04
CA SER A 68 -6.18 9.03 19.66
C SER A 68 -7.50 9.08 18.89
N ASP A 69 -7.49 8.71 17.61
CA ASP A 69 -8.67 8.70 16.75
C ASP A 69 -9.30 7.31 16.61
N CYS A 70 -8.74 6.30 17.29
CA CYS A 70 -9.13 4.92 17.00
C CYS A 70 -10.58 4.64 17.36
N VAL A 71 -11.02 5.07 18.55
CA VAL A 71 -12.39 4.76 18.93
C VAL A 71 -13.38 5.50 18.04
N ARG A 72 -13.12 6.78 17.73
CA ARG A 72 -14.04 7.52 16.87
C ARG A 72 -14.08 6.94 15.45
N ALA A 73 -12.93 6.48 14.95
CA ALA A 73 -12.91 5.85 13.62
C ALA A 73 -13.68 4.52 13.62
N GLU A 74 -13.52 3.71 14.67
CA GLU A 74 -14.24 2.45 14.72
C GLU A 74 -15.74 2.68 14.76
N ARG A 75 -16.19 3.64 15.59
CA ARG A 75 -17.60 3.94 15.63
C ARG A 75 -18.10 4.39 14.26
N ALA A 76 -17.28 5.17 13.55
CA ALA A 76 -17.73 5.69 12.25
C ALA A 76 -17.77 4.57 11.21
N MET A 77 -16.82 3.64 11.29
CA MET A 77 -16.83 2.49 10.38
C MET A 77 -18.05 1.61 10.63
N GLN A 78 -18.40 1.40 11.88
CA GLN A 78 -19.54 0.54 12.21
C GLN A 78 -20.84 1.15 11.72
N GLU A 79 -20.94 2.48 11.78
CA GLU A 79 -22.10 3.19 11.30
C GLU A 79 -22.19 3.09 9.78
N GLU A 80 -21.09 3.38 9.11
CA GLU A 80 -21.12 3.45 7.64
C GLU A 80 -21.42 2.08 7.03
N PHE A 81 -20.85 1.02 7.60
CA PHE A 81 -20.97 -0.32 7.01
C PHE A 81 -21.90 -1.23 7.79
N TYR A 82 -22.82 -0.66 8.57
CA TYR A 82 -23.73 -1.46 9.40
C TYR A 82 -24.44 -2.54 8.60
N LEU A 83 -25.04 -2.16 7.46
CA LEU A 83 -25.81 -3.12 6.68
C LEU A 83 -24.92 -4.24 6.15
N GLU A 84 -23.79 -3.87 5.56
CA GLU A 84 -22.85 -4.86 5.00
C GLU A 84 -22.29 -5.78 6.05
N LEU A 85 -21.98 -5.26 7.25
CA LEU A 85 -21.43 -6.12 8.29
C LEU A 85 -22.49 -7.10 8.80
N LYS A 86 -23.70 -6.60 9.09
CA LYS A 86 -24.78 -7.43 9.59
C LYS A 86 -25.13 -8.56 8.63
N GLU A 87 -25.00 -8.34 7.32
CA GLU A 87 -25.38 -9.32 6.31
C GLU A 87 -24.20 -10.20 5.93
N GLY A 88 -22.99 -9.87 6.36
CA GLY A 88 -21.83 -10.65 6.03
C GLY A 88 -21.21 -10.36 4.68
N LEU A 89 -21.67 -9.34 3.97
CA LEU A 89 -20.92 -8.92 2.77
C LEU A 89 -19.52 -8.48 3.15
N LEU A 90 -19.35 -7.98 4.38
CA LEU A 90 -18.06 -7.62 4.96
C LEU A 90 -17.86 -8.46 6.20
N GLU A 91 -16.63 -8.94 6.37
CA GLU A 91 -16.24 -9.65 7.58
C GLU A 91 -16.09 -8.63 8.71
N PRO A 92 -16.07 -9.07 9.96
CA PRO A 92 -15.90 -8.13 11.07
C PRO A 92 -14.69 -7.24 10.87
N LEU A 93 -14.85 -5.96 11.19
CA LEU A 93 -13.76 -5.01 11.06
C LEU A 93 -12.57 -5.49 11.88
N ALA A 94 -11.38 -5.39 11.31
CA ALA A 94 -10.17 -5.75 12.06
C ALA A 94 -9.44 -4.48 12.50
N VAL A 95 -9.18 -4.35 13.80
CA VAL A 95 -8.51 -3.17 14.36
C VAL A 95 -7.27 -3.65 15.08
N THR A 96 -6.10 -3.16 14.69
CA THR A 96 -4.83 -3.53 15.32
C THR A 96 -4.27 -2.28 15.95
N GLU A 97 -4.09 -2.30 17.26
CA GLU A 97 -3.58 -1.14 17.96
C GLU A 97 -2.10 -1.30 18.28
N ARG A 98 -1.54 -0.21 18.81
CA ARG A 98 -0.15 -0.19 19.30
C ARG A 98 0.81 -0.50 18.14
N LEU A 99 0.64 0.22 17.04
CA LEU A 99 1.53 0.12 15.92
C LEU A 99 2.32 1.43 15.72
N ALA A 100 3.29 1.37 14.81
CA ALA A 100 4.11 2.53 14.42
C ALA A 100 4.41 2.44 12.95
N ILE A 101 4.73 3.59 12.34
CA ILE A 101 5.07 3.63 10.90
C ILE A 101 6.49 4.14 10.75
N ILE A 102 7.36 3.38 10.09
CA ILE A 102 8.74 3.82 9.79
C ILE A 102 8.79 4.09 8.30
N SER A 103 9.34 5.24 7.91
CA SER A 103 9.39 5.56 6.47
C SER A 103 10.80 5.96 6.10
N VAL A 104 11.23 5.60 4.90
CA VAL A 104 12.43 6.16 4.32
C VAL A 104 12.03 7.06 3.20
N VAL A 105 12.66 8.23 3.13
CA VAL A 105 12.44 9.28 2.15
C VAL A 105 13.68 9.29 1.25
N GLY A 106 13.49 9.07 -0.05
CA GLY A 106 14.56 9.28 -1.00
C GLY A 106 14.66 10.74 -1.40
N ASP A 107 15.65 11.04 -2.23
CA ASP A 107 15.80 12.37 -2.82
C ASP A 107 15.25 12.43 -4.24
N GLY A 108 14.12 11.79 -4.51
CA GLY A 108 13.70 11.49 -5.86
C GLY A 108 13.63 9.98 -6.10
N MET A 109 13.07 9.63 -7.25
CA MET A 109 12.56 8.27 -7.42
C MET A 109 13.65 7.25 -7.75
N ARG A 110 14.63 7.62 -8.61
CA ARG A 110 15.45 6.61 -9.28
C ARG A 110 16.08 5.61 -8.32
N THR A 111 16.75 6.10 -7.29
CA THR A 111 17.63 5.25 -6.47
C THR A 111 16.91 4.45 -5.42
N LEU A 112 15.58 4.52 -5.35
CA LEU A 112 14.85 3.76 -4.34
C LEU A 112 15.04 2.24 -4.47
N ARG A 113 15.58 1.78 -5.61
CA ARG A 113 15.75 0.34 -5.84
C ARG A 113 16.68 -0.28 -4.81
N GLY A 114 17.92 0.21 -4.73
CA GLY A 114 18.81 -0.23 -3.68
C GLY A 114 18.29 0.09 -2.30
N ILE A 115 17.61 1.23 -2.17
CA ILE A 115 17.11 1.66 -0.86
C ILE A 115 16.02 0.71 -0.35
N SER A 116 15.06 0.33 -1.19
CA SER A 116 14.05 -0.65 -0.76
C SER A 116 14.69 -1.95 -0.30
N ALA A 117 15.60 -2.49 -1.11
CA ALA A 117 16.25 -3.76 -0.75
C ALA A 117 16.97 -3.64 0.59
N LYS A 118 17.69 -2.52 0.79
CA LYS A 118 18.45 -2.30 2.03
C LYS A 118 17.53 -2.08 3.22
N PHE A 119 16.47 -1.28 3.04
CA PHE A 119 15.50 -1.01 4.11
C PHE A 119 14.91 -2.31 4.61
N PHE A 120 14.38 -3.14 3.71
CA PHE A 120 13.75 -4.36 4.18
C PHE A 120 14.80 -5.33 4.74
N ALA A 121 16.00 -5.36 4.17
CA ALA A 121 17.04 -6.24 4.71
C ALA A 121 17.39 -5.87 6.16
N ALA A 122 17.44 -4.56 6.46
CA ALA A 122 17.75 -4.14 7.82
C ALA A 122 16.68 -4.58 8.81
N LEU A 123 15.40 -4.36 8.46
CA LEU A 123 14.30 -4.80 9.32
C LEU A 123 14.28 -6.32 9.48
N ALA A 124 14.56 -7.05 8.39
CA ALA A 124 14.51 -8.51 8.51
C ALA A 124 15.67 -9.04 9.35
N ARG A 125 16.84 -8.45 9.24
CA ARG A 125 17.97 -8.83 10.11
C ARG A 125 17.62 -8.65 11.58
N ALA A 126 16.86 -7.59 11.90
CA ALA A 126 16.44 -7.29 13.26
C ALA A 126 15.21 -8.09 13.65
N ASN A 127 14.70 -8.95 12.76
CA ASN A 127 13.50 -9.74 13.03
C ASN A 127 12.28 -8.88 13.37
N ILE A 128 12.16 -7.70 12.75
CA ILE A 128 11.01 -6.83 12.98
C ILE A 128 9.89 -7.17 12.00
N ASN A 129 8.74 -7.62 12.52
CA ASN A 129 7.62 -8.04 11.68
C ASN A 129 7.00 -6.82 11.00
N ILE A 130 6.68 -6.99 9.74
CA ILE A 130 6.07 -5.93 8.96
C ILE A 130 4.59 -6.26 8.79
N VAL A 131 3.75 -5.41 9.30
CA VAL A 131 2.31 -5.57 9.31
C VAL A 131 1.64 -5.00 8.05
N ALA A 132 2.29 -4.05 7.38
CA ALA A 132 1.73 -3.49 6.14
C ALA A 132 2.82 -2.67 5.49
N ILE A 133 2.68 -2.42 4.17
CA ILE A 133 3.65 -1.65 3.39
C ILE A 133 2.89 -0.72 2.47
N ALA A 134 3.37 0.52 2.32
CA ALA A 134 2.83 1.35 1.29
C ALA A 134 3.96 2.15 0.67
N GLN A 135 4.12 2.04 -0.65
CA GLN A 135 4.98 2.94 -1.40
C GLN A 135 4.20 3.36 -2.63
N GLY A 136 3.90 4.70 -2.76
CA GLY A 136 3.28 5.22 -3.95
C GLY A 136 4.30 5.45 -5.06
N SER A 137 3.77 5.82 -6.21
CA SER A 137 4.59 5.96 -7.40
C SER A 137 5.06 7.38 -7.61
N SER A 138 4.52 8.31 -6.82
CA SER A 138 4.82 9.73 -7.01
C SER A 138 5.94 10.17 -6.09
N GLU A 139 5.77 10.06 -4.78
CA GLU A 139 6.89 10.32 -3.90
C GLU A 139 7.80 9.09 -3.80
N ARG A 140 9.09 9.37 -3.82
CA ARG A 140 10.13 8.40 -3.51
C ARG A 140 10.15 8.29 -1.99
N SER A 141 9.23 7.49 -1.46
CA SER A 141 9.26 7.16 -0.03
C SER A 141 8.51 5.86 0.20
N ILE A 142 9.00 5.07 1.16
CA ILE A 142 8.41 3.78 1.46
C ILE A 142 8.06 3.80 2.94
N SER A 143 6.82 3.41 3.26
CA SER A 143 6.37 3.34 4.66
C SER A 143 6.03 1.91 5.03
N VAL A 144 6.48 1.49 6.23
CA VAL A 144 6.22 0.15 6.71
C VAL A 144 5.58 0.31 8.08
N VAL A 145 4.59 -0.53 8.34
CA VAL A 145 3.89 -0.53 9.63
C VAL A 145 4.47 -1.68 10.45
N VAL A 146 4.82 -1.35 11.72
CA VAL A 146 5.45 -2.31 12.61
C VAL A 146 4.81 -2.18 13.99
N ASN A 147 5.09 -3.14 14.85
N ASN A 147 5.16 -3.12 14.84
CA ASN A 147 4.62 -3.00 16.24
CA ASN A 147 4.83 -2.98 16.26
C ASN A 147 5.36 -1.85 16.93
C ASN A 147 5.38 -1.69 16.83
N ASN A 148 4.60 -1.06 17.70
CA ASN A 148 5.07 0.20 18.26
C ASN A 148 6.32 -0.01 19.11
N ASP A 149 6.41 -1.17 19.77
CA ASP A 149 7.60 -1.44 20.60
C ASP A 149 8.86 -1.62 19.77
N ASP A 150 8.73 -1.93 18.47
CA ASP A 150 9.85 -2.09 17.55
C ASP A 150 10.28 -0.81 16.84
N ALA A 151 9.56 0.31 17.06
CA ALA A 151 9.71 1.50 16.23
C ALA A 151 11.14 2.06 16.31
N THR A 152 11.68 2.24 17.52
CA THR A 152 12.99 2.90 17.61
C THR A 152 14.11 1.97 17.14
N THR A 153 13.98 0.67 17.46
CA THR A 153 14.96 -0.29 16.96
C THR A 153 14.94 -0.33 15.44
N GLY A 154 13.74 -0.29 14.87
CA GLY A 154 13.61 -0.23 13.42
C GLY A 154 14.27 0.99 12.82
N VAL A 155 14.10 2.16 13.47
CA VAL A 155 14.77 3.38 12.98
C VAL A 155 16.28 3.19 13.10
N ARG A 156 16.76 2.66 14.23
CA ARG A 156 18.20 2.50 14.39
C ARG A 156 18.80 1.57 13.34
N VAL A 157 18.20 0.40 13.13
CA VAL A 157 18.85 -0.56 12.22
C VAL A 157 18.78 -0.04 10.78
N THR A 158 17.68 0.66 10.44
CA THR A 158 17.56 1.28 9.11
C THR A 158 18.60 2.39 8.95
N HIS A 159 18.79 3.17 10.01
CA HIS A 159 19.77 4.25 9.97
C HIS A 159 21.20 3.72 9.80
N GLN A 160 21.54 2.62 10.49
CA GLN A 160 22.87 2.04 10.36
C GLN A 160 23.10 1.52 8.95
N MET A 161 22.09 0.90 8.37
CA MET A 161 22.17 0.35 7.02
C MET A 161 22.33 1.46 5.99
N LEU A 162 21.67 2.60 6.18
CA LEU A 162 21.59 3.63 5.14
C LEU A 162 22.49 4.82 5.33
N PHE A 163 22.96 5.09 6.55
CA PHE A 163 23.79 6.27 6.82
C PHE A 163 25.16 5.97 7.48
N VAL B 9 -4.32 18.60 -6.62
CA VAL B 9 -4.03 19.88 -5.97
C VAL B 9 -2.67 20.42 -6.41
N LYS B 10 -1.58 19.80 -5.96
CA LYS B 10 -0.29 20.09 -6.57
C LYS B 10 -0.21 19.52 -7.98
N GLY B 11 -0.88 18.37 -8.22
CA GLY B 11 -1.02 17.75 -9.52
C GLY B 11 -1.75 16.42 -9.53
N ILE B 12 -2.22 16.03 -10.72
CA ILE B 12 -2.66 14.66 -10.99
C ILE B 12 -1.77 14.12 -12.10
N SER B 13 -1.20 12.94 -11.87
CA SER B 13 -0.22 12.33 -12.76
C SER B 13 -0.66 10.92 -13.14
N ASN B 14 0.01 10.39 -14.16
CA ASN B 14 -0.41 9.14 -14.76
C ASN B 14 0.84 8.40 -15.23
N LEU B 15 0.93 7.10 -14.93
CA LEU B 15 1.91 6.20 -15.53
C LEU B 15 1.14 5.10 -16.23
N ASN B 16 1.35 4.95 -17.53
CA ASN B 16 0.70 3.89 -18.30
C ASN B 16 1.62 2.67 -18.42
N ASN B 17 1.02 1.60 -18.94
CA ASN B 17 1.75 0.41 -19.38
C ASN B 17 2.56 -0.19 -18.22
N MET B 18 1.87 -0.43 -17.10
CA MET B 18 2.45 -1.07 -15.92
C MET B 18 1.97 -2.51 -15.77
N ALA B 19 2.72 -3.30 -15.02
CA ALA B 19 2.37 -4.67 -14.72
C ALA B 19 2.40 -4.80 -13.20
N MET B 20 1.48 -5.57 -12.62
CA MET B 20 1.47 -5.72 -11.17
C MET B 20 1.69 -7.19 -10.81
N PHE B 21 2.60 -7.45 -9.89
CA PHE B 21 2.88 -8.82 -9.47
C PHE B 21 2.25 -8.99 -8.09
N SER B 22 1.71 -10.16 -7.78
CA SER B 22 1.27 -10.37 -6.39
C SER B 22 1.85 -11.69 -5.92
N VAL B 23 2.48 -11.65 -4.73
CA VAL B 23 3.13 -12.82 -4.15
C VAL B 23 2.34 -13.19 -2.91
N SER B 24 1.78 -14.39 -2.90
N SER B 24 1.86 -14.43 -2.86
CA SER B 24 0.86 -14.78 -1.82
CA SER B 24 0.91 -14.77 -1.84
C SER B 24 1.08 -16.23 -1.46
C SER B 24 1.16 -16.22 -1.43
N GLY B 25 0.73 -16.59 -0.23
CA GLY B 25 0.82 -17.98 0.16
C GLY B 25 0.90 -18.10 1.64
N PRO B 26 0.71 -19.35 2.11
CA PRO B 26 0.79 -19.66 3.56
C PRO B 26 2.07 -19.19 4.20
N GLY B 27 3.17 -19.26 3.47
CA GLY B 27 4.46 -18.89 4.01
C GLY B 27 4.66 -17.40 4.23
N MET B 28 3.86 -16.56 3.58
CA MET B 28 4.05 -15.11 3.71
C MET B 28 3.87 -14.64 5.14
N LYS B 29 3.12 -15.38 5.93
CA LYS B 29 2.91 -14.97 7.35
C LYS B 29 3.68 -16.01 8.13
N GLY B 30 4.87 -15.65 8.55
CA GLY B 30 5.60 -16.62 9.38
C GLY B 30 6.97 -16.95 8.82
N MET B 31 7.21 -16.80 7.51
CA MET B 31 8.59 -16.87 7.03
C MET B 31 9.26 -15.51 7.20
N VAL B 32 10.50 -15.50 7.69
CA VAL B 32 11.26 -14.24 7.85
C VAL B 32 11.71 -13.71 6.48
N GLY B 33 11.53 -12.40 6.28
CA GLY B 33 12.32 -11.70 5.29
C GLY B 33 11.76 -11.79 3.92
N MET B 34 10.44 -12.04 3.79
CA MET B 34 9.94 -12.31 2.43
C MET B 34 9.95 -11.05 1.60
N ALA B 35 9.56 -9.90 2.17
CA ALA B 35 9.67 -8.64 1.40
C ALA B 35 11.14 -8.34 1.08
N ALA B 36 12.04 -8.57 2.04
CA ALA B 36 13.47 -8.38 1.75
C ALA B 36 13.92 -9.22 0.56
N ARG B 37 13.45 -10.47 0.45
CA ARG B 37 13.84 -11.33 -0.68
C ARG B 37 13.27 -10.80 -1.99
N VAL B 38 12.00 -10.36 -1.96
CA VAL B 38 11.38 -9.86 -3.19
C VAL B 38 12.20 -8.72 -3.74
N PHE B 39 12.50 -7.74 -2.87
CA PHE B 39 13.11 -6.53 -3.36
C PHE B 39 14.62 -6.65 -3.57
N ALA B 40 15.32 -7.58 -2.88
CA ALA B 40 16.68 -7.94 -3.28
C ALA B 40 16.70 -8.54 -4.69
N ALA B 41 15.71 -9.39 -5.01
CA ALA B 41 15.70 -10.01 -6.32
C ALA B 41 15.42 -8.97 -7.38
N MET B 42 14.50 -8.04 -7.12
CA MET B 42 14.29 -6.96 -8.10
C MET B 42 15.53 -6.09 -8.24
N SER B 43 16.20 -5.81 -7.12
CA SER B 43 17.43 -5.01 -7.15
C SER B 43 18.53 -5.70 -7.95
N ARG B 44 18.72 -7.01 -7.75
CA ARG B 44 19.75 -7.73 -8.52
C ARG B 44 19.42 -7.70 -10.00
N ALA B 45 18.14 -7.72 -10.34
CA ALA B 45 17.70 -7.70 -11.73
C ALA B 45 17.73 -6.29 -12.33
N ARG B 46 18.02 -5.27 -11.54
CA ARG B 46 18.03 -3.86 -11.99
C ARG B 46 16.66 -3.40 -12.46
N ILE B 47 15.61 -3.84 -11.75
CA ILE B 47 14.24 -3.55 -12.09
C ILE B 47 13.67 -2.53 -11.10
N SER B 48 13.25 -1.39 -11.61
CA SER B 48 12.68 -0.34 -10.77
C SER B 48 11.30 -0.78 -10.31
N VAL B 49 11.06 -0.70 -9.01
CA VAL B 49 9.76 -1.03 -8.42
C VAL B 49 9.06 0.29 -8.15
N VAL B 50 7.96 0.55 -8.86
CA VAL B 50 7.39 1.90 -8.77
C VAL B 50 6.30 1.98 -7.72
N LEU B 51 5.75 0.86 -7.26
CA LEU B 51 4.67 0.87 -6.28
C LEU B 51 4.73 -0.41 -5.48
N ILE B 52 4.54 -0.29 -4.17
CA ILE B 52 4.49 -1.51 -3.32
C ILE B 52 3.28 -1.42 -2.38
N THR B 53 2.55 -2.52 -2.22
CA THR B 53 1.47 -2.53 -1.23
C THR B 53 1.36 -3.90 -0.57
N GLN B 54 1.24 -3.87 0.76
CA GLN B 54 0.93 -5.08 1.53
C GLN B 54 -0.12 -4.69 2.55
N SER B 55 -1.31 -5.30 2.45
CA SER B 55 -2.46 -4.84 3.23
C SER B 55 -3.23 -5.89 4.00
N SER B 56 -3.09 -7.17 3.66
CA SER B 56 -3.98 -8.12 4.30
C SER B 56 -3.30 -8.84 5.46
N SER B 57 -4.12 -9.42 6.31
CA SER B 57 -3.61 -10.24 7.41
C SER B 57 -2.87 -11.48 6.89
N GLU B 58 -3.03 -11.85 5.62
CA GLU B 58 -2.26 -12.97 5.09
C GLU B 58 -0.94 -12.52 4.48
N TYR B 59 -0.66 -11.22 4.49
CA TYR B 59 0.63 -10.64 4.15
C TYR B 59 1.01 -10.85 2.70
N SER B 60 0.02 -10.96 1.80
CA SER B 60 0.37 -10.89 0.37
C SER B 60 1.01 -9.54 0.00
N ILE B 61 1.97 -9.53 -0.93
CA ILE B 61 2.69 -8.32 -1.33
C ILE B 61 2.39 -8.13 -2.80
N SER B 62 1.99 -6.93 -3.20
CA SER B 62 1.84 -6.60 -4.61
C SER B 62 2.84 -5.50 -4.95
N PHE B 63 3.39 -5.51 -6.18
CA PHE B 63 4.24 -4.41 -6.56
C PHE B 63 4.14 -4.25 -8.07
N CYS B 64 4.39 -3.03 -8.52
CA CYS B 64 4.27 -2.70 -9.94
C CYS B 64 5.62 -2.42 -10.56
N VAL B 65 5.76 -2.80 -11.83
CA VAL B 65 6.93 -2.53 -12.64
C VAL B 65 6.45 -2.07 -13.98
N PRO B 66 7.29 -1.42 -14.76
CA PRO B 66 6.95 -1.06 -16.14
C PRO B 66 6.72 -2.34 -16.94
N GLN B 67 5.78 -2.30 -17.89
CA GLN B 67 5.54 -3.50 -18.70
C GLN B 67 6.82 -4.04 -19.34
N SER B 68 7.72 -3.15 -19.75
CA SER B 68 8.96 -3.59 -20.41
C SER B 68 9.84 -4.45 -19.50
N ASP B 69 9.67 -4.36 -18.18
CA ASP B 69 10.39 -5.17 -17.21
C ASP B 69 9.64 -6.43 -16.76
N CYS B 70 8.42 -6.65 -17.23
CA CYS B 70 7.57 -7.73 -16.71
C CYS B 70 8.21 -9.11 -16.90
N VAL B 71 8.68 -9.41 -18.13
CA VAL B 71 9.27 -10.72 -18.35
C VAL B 71 10.50 -10.93 -17.45
N ARG B 72 11.39 -9.93 -17.34
CA ARG B 72 12.57 -10.15 -16.51
C ARG B 72 12.22 -10.19 -15.03
N ALA B 73 11.18 -9.48 -14.62
CA ALA B 73 10.88 -9.49 -13.19
C ALA B 73 10.21 -10.82 -12.83
N GLU B 74 9.35 -11.33 -13.71
CA GLU B 74 8.77 -12.63 -13.47
C GLU B 74 9.86 -13.70 -13.34
N ARG B 75 10.86 -13.66 -14.24
CA ARG B 75 11.94 -14.66 -14.17
C ARG B 75 12.72 -14.50 -12.87
N ALA B 76 12.94 -13.27 -12.43
CA ALA B 76 13.68 -13.08 -11.17
C ALA B 76 12.89 -13.62 -9.97
N MET B 77 11.56 -13.45 -9.97
CA MET B 77 10.74 -14.00 -8.88
C MET B 77 10.74 -15.51 -8.91
N GLN B 78 10.60 -16.10 -10.09
CA GLN B 78 10.59 -17.55 -10.16
C GLN B 78 11.91 -18.15 -9.69
N GLU B 79 13.03 -17.46 -9.98
CA GLU B 79 14.34 -17.94 -9.55
C GLU B 79 14.48 -17.80 -8.04
N GLU B 80 14.07 -16.64 -7.50
CA GLU B 80 14.31 -16.41 -6.05
C GLU B 80 13.45 -17.36 -5.20
N PHE B 81 12.22 -17.60 -5.61
CA PHE B 81 11.28 -18.38 -4.83
C PHE B 81 11.04 -19.77 -5.39
N TYR B 82 12.00 -20.30 -6.17
CA TYR B 82 11.85 -21.61 -6.82
C TYR B 82 11.41 -22.67 -5.82
N LEU B 83 12.11 -22.73 -4.66
CA LEU B 83 11.85 -23.81 -3.70
C LEU B 83 10.51 -23.60 -2.99
N GLU B 84 10.16 -22.34 -2.64
CA GLU B 84 8.87 -22.12 -1.96
C GLU B 84 7.70 -22.40 -2.90
N LEU B 85 7.85 -22.07 -4.18
CA LEU B 85 6.77 -22.34 -5.10
C LEU B 85 6.60 -23.83 -5.31
N LYS B 86 7.71 -24.58 -5.39
CA LYS B 86 7.62 -26.01 -5.57
C LYS B 86 7.01 -26.68 -4.35
N GLU B 87 7.26 -26.14 -3.15
CA GLU B 87 6.76 -26.71 -1.91
C GLU B 87 5.35 -26.28 -1.59
N GLY B 88 4.85 -25.26 -2.27
CA GLY B 88 3.53 -24.73 -1.93
C GLY B 88 3.51 -23.76 -0.75
N LEU B 89 4.69 -23.37 -0.24
CA LEU B 89 4.75 -22.28 0.76
C LEU B 89 4.26 -20.96 0.13
N LEU B 90 4.41 -20.84 -1.18
CA LEU B 90 3.88 -19.71 -1.93
C LEU B 90 2.96 -20.29 -2.98
N GLU B 91 1.85 -19.61 -3.29
CA GLU B 91 0.98 -19.95 -4.39
C GLU B 91 1.58 -19.40 -5.67
N PRO B 92 1.13 -19.88 -6.81
CA PRO B 92 1.67 -19.39 -8.10
C PRO B 92 1.66 -17.86 -8.15
N LEU B 93 2.73 -17.30 -8.70
CA LEU B 93 2.84 -15.84 -8.82
C LEU B 93 1.71 -15.30 -9.69
N ALA B 94 1.06 -14.23 -9.22
CA ALA B 94 0.03 -13.59 -10.03
C ALA B 94 0.62 -12.38 -10.74
N VAL B 95 0.25 -12.25 -12.02
CA VAL B 95 0.79 -11.23 -12.92
C VAL B 95 -0.37 -10.60 -13.66
N THR B 96 -0.59 -9.29 -13.45
CA THR B 96 -1.61 -8.55 -14.18
C THR B 96 -0.93 -7.47 -15.02
N GLU B 97 -1.24 -7.46 -16.31
CA GLU B 97 -0.65 -6.53 -17.27
C GLU B 97 -1.68 -5.49 -17.70
N ARG B 98 -1.21 -4.53 -18.49
CA ARG B 98 -2.04 -3.47 -19.09
C ARG B 98 -2.70 -2.63 -17.98
N LEU B 99 -1.91 -2.22 -17.00
CA LEU B 99 -2.38 -1.36 -15.92
C LEU B 99 -1.79 0.04 -16.01
N ALA B 100 -2.43 0.99 -15.30
CA ALA B 100 -2.01 2.38 -15.22
C ALA B 100 -2.00 2.74 -13.72
N ILE B 101 -1.15 3.69 -13.35
CA ILE B 101 -1.14 4.25 -11.98
C ILE B 101 -1.49 5.73 -12.03
N ILE B 102 -2.62 6.12 -11.41
CA ILE B 102 -3.00 7.52 -11.28
C ILE B 102 -2.63 8.01 -9.88
N SER B 103 -1.92 9.13 -9.80
CA SER B 103 -1.48 9.66 -8.51
C SER B 103 -1.93 11.11 -8.37
N VAL B 104 -2.37 11.46 -7.16
CA VAL B 104 -2.72 12.82 -6.81
C VAL B 104 -1.69 13.28 -5.78
N VAL B 105 -1.12 14.46 -6.00
CA VAL B 105 -0.18 15.09 -5.07
C VAL B 105 -0.84 16.33 -4.50
N GLY B 106 -0.82 16.47 -3.17
CA GLY B 106 -1.39 17.62 -2.50
C GLY B 106 -0.34 18.58 -1.96
N ASP B 107 -0.81 19.53 -1.16
CA ASP B 107 0.08 20.48 -0.50
C ASP B 107 0.61 19.96 0.84
N GLY B 108 0.90 20.88 1.78
CA GLY B 108 1.62 20.56 2.99
C GLY B 108 0.79 20.22 4.23
N MET B 109 -0.51 20.50 4.19
CA MET B 109 -1.42 20.12 5.26
C MET B 109 -2.03 18.75 4.97
N ARG B 110 -2.51 18.09 6.03
CA ARG B 110 -3.20 16.81 5.89
C ARG B 110 -4.45 17.00 5.04
N THR B 111 -4.25 17.41 3.78
CA THR B 111 -5.34 17.75 2.89
C THR B 111 -5.99 16.53 2.29
N LEU B 112 -5.29 15.38 2.32
CA LEU B 112 -5.83 14.15 1.76
C LEU B 112 -7.15 13.74 2.43
N ARG B 113 -7.47 14.35 3.58
CA ARG B 113 -8.78 14.21 4.21
C ARG B 113 -9.88 14.45 3.18
N GLY B 114 -10.00 15.70 2.74
CA GLY B 114 -10.93 16.00 1.65
C GLY B 114 -10.46 15.47 0.32
N ILE B 115 -9.14 15.32 0.14
CA ILE B 115 -8.60 14.94 -1.15
C ILE B 115 -8.85 13.45 -1.43
N SER B 116 -8.42 12.57 -0.51
CA SER B 116 -8.55 11.14 -0.79
C SER B 116 -10.00 10.75 -0.94
N ALA B 117 -10.89 11.32 -0.11
CA ALA B 117 -12.32 11.05 -0.25
C ALA B 117 -12.83 11.42 -1.63
N LYS B 118 -12.52 12.64 -2.10
CA LYS B 118 -13.07 13.11 -3.37
C LYS B 118 -12.43 12.39 -4.55
N PHE B 119 -11.13 12.10 -4.46
CA PHE B 119 -10.45 11.32 -5.50
C PHE B 119 -11.15 9.96 -5.70
N PHE B 120 -11.34 9.21 -4.61
CA PHE B 120 -12.04 7.93 -4.70
C PHE B 120 -13.49 8.12 -5.12
N ALA B 121 -14.14 9.18 -4.64
CA ALA B 121 -15.50 9.47 -5.12
C ALA B 121 -15.54 9.68 -6.64
N ALA B 122 -14.57 10.42 -7.20
CA ALA B 122 -14.58 10.69 -8.65
C ALA B 122 -14.42 9.41 -9.44
N LEU B 123 -13.52 8.53 -8.98
CA LEU B 123 -13.31 7.29 -9.72
C LEU B 123 -14.53 6.38 -9.60
N ALA B 124 -15.17 6.35 -8.44
CA ALA B 124 -16.36 5.52 -8.28
C ALA B 124 -17.50 6.01 -9.17
N ARG B 125 -17.72 7.33 -9.20
CA ARG B 125 -18.71 7.96 -10.08
C ARG B 125 -18.49 7.59 -11.54
N ALA B 126 -17.24 7.46 -11.96
CA ALA B 126 -16.89 7.09 -13.33
C ALA B 126 -16.91 5.58 -13.53
N ASN B 127 -17.24 4.80 -12.50
CA ASN B 127 -17.32 3.34 -12.59
C ASN B 127 -15.96 2.73 -12.93
N ILE B 128 -14.89 3.31 -12.43
CA ILE B 128 -13.52 2.85 -12.70
C ILE B 128 -13.09 1.92 -11.55
N ASN B 129 -12.85 0.65 -11.89
CA ASN B 129 -12.44 -0.33 -10.88
C ASN B 129 -11.04 -0.02 -10.36
N ILE B 130 -10.83 -0.18 -9.06
CA ILE B 130 -9.54 0.02 -8.42
C ILE B 130 -8.85 -1.33 -8.28
N VAL B 131 -7.61 -1.41 -8.77
CA VAL B 131 -6.82 -2.65 -8.75
C VAL B 131 -5.93 -2.72 -7.51
N ALA B 132 -5.46 -1.56 -7.01
CA ALA B 132 -4.59 -1.51 -5.80
C ALA B 132 -4.48 -0.05 -5.39
N ILE B 133 -4.15 0.17 -4.09
CA ILE B 133 -4.02 1.52 -3.57
C ILE B 133 -2.73 1.58 -2.79
N ALA B 134 -1.98 2.69 -2.93
CA ALA B 134 -0.86 2.92 -1.99
C ALA B 134 -0.72 4.39 -1.67
N GLN B 135 -0.78 4.70 -0.35
CA GLN B 135 -0.53 6.04 0.18
C GLN B 135 0.38 5.88 1.38
N GLY B 136 1.63 6.33 1.25
CA GLY B 136 2.55 6.31 2.37
C GLY B 136 2.28 7.48 3.30
N SER B 137 2.97 7.46 4.43
CA SER B 137 2.72 8.47 5.45
C SER B 137 3.58 9.72 5.31
N SER B 138 4.63 9.67 4.47
CA SER B 138 5.61 10.75 4.45
C SER B 138 5.35 11.73 3.33
N GLU B 139 4.53 11.32 2.38
CA GLU B 139 4.13 12.17 1.27
C GLU B 139 2.63 12.40 1.35
N ARG B 140 2.24 13.60 0.93
CA ARG B 140 0.83 13.90 0.73
C ARG B 140 0.44 13.52 -0.70
N SER B 141 0.58 12.23 -0.98
CA SER B 141 0.18 11.77 -2.31
C SER B 141 -0.36 10.36 -2.17
N ILE B 142 -1.24 10.04 -3.10
CA ILE B 142 -1.95 8.79 -3.11
C ILE B 142 -1.93 8.25 -4.52
N SER B 143 -1.59 6.96 -4.65
CA SER B 143 -1.50 6.31 -5.97
C SER B 143 -2.55 5.23 -6.07
N VAL B 144 -3.22 5.14 -7.22
CA VAL B 144 -4.22 4.10 -7.37
C VAL B 144 -3.94 3.39 -8.68
N VAL B 145 -4.00 2.09 -8.68
CA VAL B 145 -3.72 1.27 -9.86
C VAL B 145 -5.07 0.99 -10.53
N VAL B 146 -5.15 1.21 -11.86
CA VAL B 146 -6.39 1.02 -12.61
C VAL B 146 -6.07 0.31 -13.92
N ASN B 147 -7.11 -0.09 -14.65
CA ASN B 147 -6.85 -0.63 -15.97
C ASN B 147 -6.37 0.48 -16.88
N ASN B 148 -5.39 0.15 -17.71
CA ASN B 148 -4.80 1.18 -18.55
C ASN B 148 -5.89 1.86 -19.41
N ASP B 149 -6.91 1.10 -19.83
CA ASP B 149 -8.05 1.61 -20.61
C ASP B 149 -8.79 2.74 -19.92
N ASP B 150 -8.83 2.73 -18.59
CA ASP B 150 -9.50 3.73 -17.78
C ASP B 150 -8.60 4.92 -17.41
N ALA B 151 -7.32 4.94 -17.79
CA ALA B 151 -6.42 5.94 -17.21
C ALA B 151 -6.81 7.36 -17.62
N THR B 152 -7.10 7.56 -18.89
CA THR B 152 -7.36 8.93 -19.36
C THR B 152 -8.67 9.48 -18.80
N THR B 153 -9.70 8.65 -18.69
CA THR B 153 -10.92 9.06 -18.00
C THR B 153 -10.66 9.32 -16.51
N GLY B 154 -9.97 8.40 -15.85
CA GLY B 154 -9.70 8.56 -14.42
C GLY B 154 -9.02 9.87 -14.11
N VAL B 155 -8.09 10.30 -14.98
CA VAL B 155 -7.44 11.58 -14.75
C VAL B 155 -8.38 12.73 -15.01
N ARG B 156 -9.16 12.65 -16.09
CA ARG B 156 -10.05 13.77 -16.41
C ARG B 156 -11.03 14.01 -15.27
N VAL B 157 -11.62 12.94 -14.74
CA VAL B 157 -12.67 13.05 -13.73
C VAL B 157 -12.06 13.44 -12.39
N THR B 158 -10.81 13.06 -12.13
CA THR B 158 -10.23 13.47 -10.86
C THR B 158 -9.75 14.91 -10.92
N HIS B 159 -9.37 15.39 -12.11
CA HIS B 159 -9.19 16.83 -12.33
C HIS B 159 -10.46 17.61 -12.04
N GLN B 160 -11.60 17.15 -12.59
CA GLN B 160 -12.86 17.88 -12.46
C GLN B 160 -13.21 18.09 -10.98
N MET B 161 -13.14 17.01 -10.19
CA MET B 161 -13.49 17.08 -8.78
C MET B 161 -12.56 18.00 -7.99
N LEU B 162 -11.25 17.74 -8.05
CA LEU B 162 -10.31 18.40 -7.17
C LEU B 162 -9.76 19.70 -7.75
N PHE B 163 -10.44 20.29 -8.75
CA PHE B 163 -10.03 21.61 -9.23
C PHE B 163 -11.23 22.48 -9.60
#